data_1EUY
#
_entry.id   1EUY
#
_cell.length_a   235.20
_cell.length_b   94.20
_cell.length_c   113.41
_cell.angle_alpha   90
_cell.angle_beta   90
_cell.angle_gamma   90
#
_symmetry.space_group_name_H-M   'C 2 2 21'
#
loop_
_entity.id
_entity.type
_entity.pdbx_description
1 polymer 'GLUTAMINYL TRNA'
2 polymer 'GLUTAMINYL-TRNA SYNTHETASE'
3 non-polymer "5'-O-[N-(L-GLUTAMINYL)-SULFAMOYL]ADENOSINE"
4 water water
#
loop_
_entity_poly.entity_id
_entity_poly.type
_entity_poly.pdbx_seq_one_letter_code
_entity_poly.pdbx_strand_id
1 'polyribonucleotide' UGGGGUAUCGCCAAGCGGUAAGGCACCGGAUUCUGAUUCCGGCAAGCGAGGUUCGAAUCCUCGUACCCCAGCCA B
2 'polypeptide(L)'
;MSEAEARPTNFIRQIIDEDLASGKHTTVHTRFPPEPNGYLHIGHAKSICLNFGIAQDYKGQCNLRFDDTNPVKEDIEYVE
SIKNDVEWLGFHWSGNVRYSSDYFDQLHAYAIELINKGLAYVDELTPEQIREYRGTLTQPGKNSPYRDRSVEENLALFEK
MRAGGFEEGKACLRAKIDMASPFIVMRDPVLYRIKFAEHHQTGNKWCIYPMYDFTHCISDALEGITHSLCTLEFQDNRRL
YDWVLDNITIPVHPRQYEFSRLNLEYTVMSKRKLNLLVTDKHVEGWDDPRMPTISGLRRRGYTAASIREFCKRIGVTKQD
NTIEMASLESCIREDLNENAPRAMAVIDPVKLVIENYQGEGEMVTMPNHPNKPEMGSRQVPFSGEIWIDRADFREEANKQ
YKRLVLGKEVRLRNAYVIKAERVEKDAEGNITTIFCTYDADTLSKDPADGRKVKGVIHWVSAAHALPVEIRLYDRLFSVP
NPGAADDFLSVINPESLVIKQGFAEPSLKDAVAGKAFQFEREGYFCLDSRHSTAEKPVFNRTVGLRDT
;
A
#
loop_
_chem_comp.id
_chem_comp.type
_chem_comp.name
_chem_comp.formula
A RNA linking ADENOSINE-5'-MONOPHOSPHATE 'C10 H14 N5 O7 P'
C RNA linking CYTIDINE-5'-MONOPHOSPHATE 'C9 H14 N3 O8 P'
G RNA linking GUANOSINE-5'-MONOPHOSPHATE 'C10 H14 N5 O8 P'
QSI non-polymer 5'-O-[N-(L-GLUTAMINYL)-SULFAMOYL]ADENOSINE 'C15 H22 N8 O8 S'
U RNA linking URIDINE-5'-MONOPHOSPHATE 'C9 H13 N2 O9 P'
#
# COMPACT_ATOMS: atom_id res chain seq x y z
N THR B 9 -19.37 -10.96 6.36
CA THR B 9 -20.30 -10.93 5.22
C THR B 9 -20.42 -9.50 4.70
N ASN B 10 -20.72 -9.37 3.42
CA ASN B 10 -20.85 -8.08 2.77
C ASN B 10 -21.79 -8.29 1.59
N PHE B 11 -22.29 -7.22 0.98
CA PHE B 11 -23.23 -7.34 -0.12
C PHE B 11 -22.79 -8.29 -1.22
N ILE B 12 -21.48 -8.37 -1.46
CA ILE B 12 -20.98 -9.25 -2.50
C ILE B 12 -21.03 -10.71 -2.10
N ARG B 13 -20.72 -11.02 -0.84
CA ARG B 13 -20.77 -12.40 -0.37
C ARG B 13 -22.20 -12.91 -0.27
N GLN B 14 -23.13 -11.97 -0.09
CA GLN B 14 -24.55 -12.29 -0.02
C GLN B 14 -25.07 -12.58 -1.44
N ILE B 15 -24.49 -11.91 -2.44
CA ILE B 15 -24.84 -12.13 -3.84
C ILE B 15 -24.32 -13.51 -4.24
N ILE B 16 -23.10 -13.82 -3.80
CA ILE B 16 -22.48 -15.10 -4.12
C ILE B 16 -23.29 -16.25 -3.53
N ASP B 17 -23.74 -16.09 -2.29
CA ASP B 17 -24.56 -17.09 -1.63
C ASP B 17 -25.79 -17.37 -2.48
N GLU B 18 -26.53 -16.30 -2.77
CA GLU B 18 -27.74 -16.40 -3.58
C GLU B 18 -27.46 -17.14 -4.88
N ASP B 19 -26.39 -16.78 -5.58
CA ASP B 19 -26.05 -17.47 -6.82
C ASP B 19 -25.88 -18.96 -6.60
N LEU B 20 -25.12 -19.33 -5.57
CA LEU B 20 -24.86 -20.73 -5.28
C LEU B 20 -26.16 -21.47 -4.98
N ALA B 21 -27.01 -20.85 -4.16
CA ALA B 21 -28.30 -21.43 -3.77
C ALA B 21 -29.21 -21.65 -4.97
N SER B 22 -29.41 -20.61 -5.77
CA SER B 22 -30.26 -20.71 -6.95
C SER B 22 -29.72 -21.73 -7.92
N GLY B 23 -28.41 -21.93 -7.88
CA GLY B 23 -27.79 -22.87 -8.78
C GLY B 23 -27.17 -22.20 -10.00
N LYS B 24 -27.11 -20.87 -10.01
CA LYS B 24 -26.51 -20.10 -11.12
C LYS B 24 -25.04 -20.42 -11.28
N HIS B 25 -24.39 -20.74 -10.17
CA HIS B 25 -22.97 -21.09 -10.16
C HIS B 25 -22.82 -22.22 -9.13
N THR B 26 -21.85 -23.10 -9.34
CA THR B 26 -21.60 -24.15 -8.36
C THR B 26 -20.29 -23.81 -7.65
N THR B 27 -19.48 -23.00 -8.29
CA THR B 27 -18.20 -22.60 -7.73
C THR B 27 -18.03 -21.12 -7.96
N VAL B 28 -17.07 -20.51 -7.27
CA VAL B 28 -16.80 -19.11 -7.48
C VAL B 28 -15.38 -19.00 -8.01
N HIS B 29 -15.17 -18.04 -8.90
CA HIS B 29 -13.88 -17.80 -9.51
C HIS B 29 -13.79 -16.30 -9.65
N THR B 30 -12.94 -15.70 -8.83
CA THR B 30 -12.72 -14.27 -8.82
C THR B 30 -11.35 -14.00 -9.47
N ARG B 31 -10.94 -12.73 -9.51
CA ARG B 31 -9.63 -12.36 -10.03
C ARG B 31 -9.18 -10.98 -9.58
N PHE B 32 -7.88 -10.77 -9.52
CA PHE B 32 -7.34 -9.47 -9.14
C PHE B 32 -6.55 -9.06 -10.39
N PRO B 33 -6.99 -8.00 -11.10
CA PRO B 33 -6.29 -7.58 -12.31
C PRO B 33 -5.64 -6.20 -12.33
N PRO B 34 -4.54 -6.03 -11.60
CA PRO B 34 -3.87 -4.73 -11.58
C PRO B 34 -3.06 -4.50 -12.86
N GLU B 35 -3.07 -3.28 -13.35
CA GLU B 35 -2.28 -2.94 -14.54
C GLU B 35 -0.86 -2.79 -13.99
N PRO B 36 0.15 -3.31 -14.70
CA PRO B 36 1.44 -3.10 -14.05
C PRO B 36 2.05 -1.73 -14.41
N ASN B 37 1.53 -0.67 -13.79
CA ASN B 37 1.99 0.69 -14.04
C ASN B 37 2.36 1.39 -12.73
N GLY B 38 2.71 0.60 -11.72
CA GLY B 38 3.10 1.16 -10.44
C GLY B 38 3.14 0.07 -9.42
N TYR B 39 3.43 0.40 -8.17
CA TYR B 39 3.44 -0.58 -7.10
C TYR B 39 2.07 -0.65 -6.41
N LEU B 40 1.81 -1.80 -5.79
CA LEU B 40 0.57 -2.03 -5.10
C LEU B 40 0.54 -1.21 -3.84
N HIS B 41 -0.63 -0.71 -3.48
CA HIS B 41 -0.79 0.06 -2.27
C HIS B 41 -1.93 -0.53 -1.41
N ILE B 42 -2.15 0.05 -0.24
CA ILE B 42 -3.16 -0.42 0.70
C ILE B 42 -4.57 -0.61 0.12
N GLY B 43 -4.93 0.19 -0.90
CA GLY B 43 -6.24 0.06 -1.52
C GLY B 43 -6.34 -1.24 -2.29
N HIS B 44 -5.24 -1.62 -2.92
CA HIS B 44 -5.20 -2.86 -3.69
C HIS B 44 -5.34 -4.01 -2.72
N ALA B 45 -4.80 -3.85 -1.52
CA ALA B 45 -4.87 -4.88 -0.50
C ALA B 45 -6.32 -5.12 -0.12
N LYS B 46 -7.18 -4.13 -0.33
CA LYS B 46 -8.61 -4.28 -0.04
C LYS B 46 -9.22 -5.18 -1.13
N SER B 47 -8.77 -4.96 -2.37
CA SER B 47 -9.24 -5.74 -3.51
C SER B 47 -8.67 -7.17 -3.45
N ILE B 48 -7.44 -7.30 -2.93
CA ILE B 48 -6.78 -8.59 -2.79
C ILE B 48 -7.43 -9.48 -1.72
N CYS B 49 -7.69 -8.92 -0.54
CA CYS B 49 -8.33 -9.69 0.52
C CYS B 49 -9.71 -10.11 0.08
N LEU B 50 -10.39 -9.20 -0.63
CA LEU B 50 -11.76 -9.42 -1.13
C LEU B 50 -11.84 -10.57 -2.11
N ASN B 51 -11.07 -10.44 -3.17
CA ASN B 51 -11.06 -11.43 -4.21
C ASN B 51 -10.43 -12.76 -3.82
N PHE B 52 -9.33 -12.73 -3.07
CA PHE B 52 -8.69 -13.99 -2.67
C PHE B 52 -9.38 -14.63 -1.46
N GLY B 53 -9.82 -13.80 -0.52
CA GLY B 53 -10.50 -14.31 0.66
C GLY B 53 -11.78 -15.00 0.28
N ILE B 54 -12.57 -14.38 -0.58
CA ILE B 54 -13.84 -14.93 -1.06
C ILE B 54 -13.59 -16.27 -1.74
N ALA B 55 -12.56 -16.32 -2.57
CA ALA B 55 -12.22 -17.52 -3.30
C ALA B 55 -11.98 -18.63 -2.31
N GLN B 56 -11.01 -18.45 -1.41
CA GLN B 56 -10.72 -19.50 -0.44
C GLN B 56 -11.87 -19.86 0.49
N ASP B 57 -12.59 -18.86 0.99
CA ASP B 57 -13.71 -19.13 1.87
C ASP B 57 -14.74 -20.00 1.17
N TYR B 58 -15.03 -19.74 -0.10
CA TYR B 58 -16.00 -20.54 -0.84
C TYR B 58 -15.35 -21.67 -1.59
N LYS B 59 -14.10 -21.97 -1.25
CA LYS B 59 -13.41 -23.04 -1.89
C LYS B 59 -13.43 -22.93 -3.40
N GLY B 60 -13.17 -21.72 -3.90
CA GLY B 60 -13.14 -21.45 -5.32
C GLY B 60 -11.72 -21.09 -5.70
N GLN B 61 -11.54 -20.36 -6.79
CA GLN B 61 -10.21 -19.96 -7.25
C GLN B 61 -10.19 -18.47 -7.52
N CYS B 62 -8.97 -17.90 -7.53
CA CYS B 62 -8.77 -16.48 -7.80
C CYS B 62 -7.50 -16.32 -8.58
N ASN B 63 -7.60 -15.68 -9.73
CA ASN B 63 -6.46 -15.45 -10.61
C ASN B 63 -5.78 -14.12 -10.33
N LEU B 64 -4.52 -14.02 -10.76
CA LEU B 64 -3.74 -12.80 -10.65
C LEU B 64 -3.56 -12.54 -12.11
N ARG B 65 -4.07 -11.43 -12.61
CA ARG B 65 -3.96 -11.15 -14.02
C ARG B 65 -3.45 -9.75 -14.18
N PHE B 66 -2.46 -9.59 -15.02
CA PHE B 66 -1.89 -8.30 -15.27
C PHE B 66 -2.61 -7.74 -16.47
N ASP B 67 -3.47 -6.75 -16.23
CA ASP B 67 -4.25 -6.11 -17.31
C ASP B 67 -3.25 -5.24 -18.02
N ASP B 68 -2.47 -5.82 -18.91
CA ASP B 68 -1.44 -5.07 -19.62
C ASP B 68 -1.76 -4.66 -21.07
N THR B 69 -2.80 -3.87 -21.23
CA THR B 69 -3.25 -3.40 -22.55
C THR B 69 -2.58 -2.13 -23.07
N ASN B 70 -1.92 -1.38 -22.18
CA ASN B 70 -1.27 -0.12 -22.53
C ASN B 70 0.25 -0.22 -22.30
N PRO B 71 1.00 -0.70 -23.31
CA PRO B 71 2.45 -0.85 -23.22
C PRO B 71 3.20 0.38 -22.68
N VAL B 72 2.86 1.55 -23.19
CA VAL B 72 3.54 2.78 -22.80
C VAL B 72 3.36 3.21 -21.35
N LYS B 73 2.59 2.46 -20.59
CA LYS B 73 2.36 2.81 -19.19
C LYS B 73 2.92 1.80 -18.18
N GLU B 74 3.27 0.62 -18.66
CA GLU B 74 3.74 -0.44 -17.80
C GLU B 74 5.22 -0.71 -17.89
N ASP B 75 5.70 -1.54 -16.99
CA ASP B 75 7.11 -1.90 -16.94
C ASP B 75 7.19 -3.26 -16.27
N ILE B 76 8.19 -4.05 -16.64
CA ILE B 76 8.40 -5.37 -16.06
C ILE B 76 8.75 -5.32 -14.58
N GLU B 77 9.27 -4.17 -14.12
CA GLU B 77 9.63 -3.97 -12.72
C GLU B 77 8.40 -4.15 -11.83
N TYR B 78 7.31 -3.53 -12.26
CA TYR B 78 6.05 -3.57 -11.54
C TYR B 78 5.42 -4.95 -11.48
N VAL B 79 5.56 -5.76 -12.52
CA VAL B 79 4.94 -7.09 -12.42
C VAL B 79 5.68 -7.96 -11.42
N GLU B 80 7.00 -7.85 -11.39
CA GLU B 80 7.80 -8.64 -10.45
C GLU B 80 7.39 -8.31 -9.01
N SER B 81 7.11 -7.02 -8.75
CA SER B 81 6.75 -6.54 -7.42
C SER B 81 5.36 -6.91 -6.98
N ILE B 82 4.42 -6.76 -7.89
CA ILE B 82 3.03 -7.08 -7.63
C ILE B 82 2.91 -8.52 -7.17
N LYS B 83 3.52 -9.47 -7.87
CA LYS B 83 3.43 -10.88 -7.45
C LYS B 83 3.98 -10.98 -6.03
N ASN B 84 5.11 -10.31 -5.84
CA ASN B 84 5.79 -10.27 -4.56
C ASN B 84 4.88 -9.83 -3.42
N ASP B 85 4.23 -8.69 -3.57
CA ASP B 85 3.35 -8.18 -2.53
C ASP B 85 2.10 -9.02 -2.36
N VAL B 86 1.63 -9.64 -3.44
CA VAL B 86 0.43 -10.48 -3.35
C VAL B 86 0.76 -11.66 -2.45
N GLU B 87 1.90 -12.29 -2.71
CA GLU B 87 2.32 -13.44 -1.90
C GLU B 87 2.64 -12.99 -0.47
N TRP B 88 3.34 -11.87 -0.33
CA TRP B 88 3.70 -11.36 0.99
C TRP B 88 2.49 -11.16 1.87
N LEU B 89 1.39 -10.69 1.27
CA LEU B 89 0.16 -10.48 2.02
C LEU B 89 -0.36 -11.82 2.53
N GLY B 90 0.02 -12.88 1.83
CA GLY B 90 -0.36 -14.22 2.21
C GLY B 90 -1.29 -14.93 1.25
N PHE B 91 -1.44 -14.41 0.04
CA PHE B 91 -2.36 -15.03 -0.90
C PHE B 91 -1.73 -15.76 -2.04
N HIS B 92 -2.42 -16.80 -2.51
CA HIS B 92 -1.93 -17.60 -3.62
C HIS B 92 -2.99 -17.58 -4.73
N TRP B 93 -2.58 -17.30 -5.95
CA TRP B 93 -3.50 -17.24 -7.06
C TRP B 93 -3.61 -18.60 -7.69
N SER B 94 -4.64 -18.77 -8.51
CA SER B 94 -4.95 -20.03 -9.18
C SER B 94 -4.16 -20.20 -10.47
N GLY B 95 -3.40 -21.29 -10.55
CA GLY B 95 -2.62 -21.56 -11.75
C GLY B 95 -1.49 -20.58 -11.99
N ASN B 96 -1.09 -20.45 -13.24
CA ASN B 96 -0.02 -19.54 -13.58
C ASN B 96 -0.56 -18.14 -13.45
N VAL B 97 0.33 -17.17 -13.47
CA VAL B 97 -0.01 -15.76 -13.43
C VAL B 97 -0.52 -15.49 -14.84
N ARG B 98 -1.62 -14.74 -14.95
CA ARG B 98 -2.20 -14.44 -16.26
C ARG B 98 -1.87 -13.02 -16.67
N TYR B 99 -1.95 -12.77 -17.97
CA TYR B 99 -1.67 -11.47 -18.53
C TYR B 99 -2.74 -11.25 -19.59
N SER B 100 -3.24 -10.02 -19.73
CA SER B 100 -4.23 -9.73 -20.77
C SER B 100 -3.61 -10.03 -22.11
N SER B 101 -2.31 -9.76 -22.23
CA SER B 101 -1.59 -9.99 -23.47
C SER B 101 -1.58 -11.44 -23.90
N ASP B 102 -1.99 -12.35 -23.00
CA ASP B 102 -2.04 -13.77 -23.33
C ASP B 102 -3.22 -14.00 -24.23
N TYR B 103 -4.11 -13.00 -24.31
CA TYR B 103 -5.30 -13.10 -25.13
C TYR B 103 -5.28 -12.14 -26.32
N PHE B 104 -4.12 -11.56 -26.64
CA PHE B 104 -4.06 -10.61 -27.75
C PHE B 104 -4.54 -11.13 -29.09
N ASP B 105 -4.33 -12.42 -29.35
CA ASP B 105 -4.76 -13.03 -30.60
C ASP B 105 -6.25 -13.32 -30.59
N GLN B 106 -6.76 -13.70 -29.42
CA GLN B 106 -8.17 -14.01 -29.19
C GLN B 106 -9.01 -12.73 -29.29
N LEU B 107 -8.49 -11.66 -28.69
CA LEU B 107 -9.15 -10.38 -28.72
C LEU B 107 -9.30 -9.92 -30.16
N HIS B 108 -8.20 -10.04 -30.91
CA HIS B 108 -8.15 -9.68 -32.32
C HIS B 108 -9.18 -10.45 -33.10
N ALA B 109 -9.22 -11.77 -32.90
CA ALA B 109 -10.20 -12.61 -33.59
C ALA B 109 -11.61 -12.15 -33.28
N TYR B 110 -11.83 -11.69 -32.05
CA TYR B 110 -13.13 -11.19 -31.61
C TYR B 110 -13.48 -9.86 -32.27
N ALA B 111 -12.49 -8.98 -32.40
CA ALA B 111 -12.69 -7.70 -33.09
C ALA B 111 -13.19 -8.01 -34.51
N ILE B 112 -12.63 -9.06 -35.11
CA ILE B 112 -13.02 -9.49 -36.43
C ILE B 112 -14.43 -10.07 -36.43
N GLU B 113 -14.82 -10.73 -35.35
CA GLU B 113 -16.18 -11.26 -35.29
C GLU B 113 -17.10 -10.06 -35.25
N LEU B 114 -16.79 -9.08 -34.40
CA LEU B 114 -17.65 -7.89 -34.31
C LEU B 114 -17.76 -7.20 -35.68
N ILE B 115 -16.62 -7.02 -36.34
CA ILE B 115 -16.58 -6.40 -37.67
C ILE B 115 -17.50 -7.18 -38.60
N ASN B 116 -17.25 -8.48 -38.76
CA ASN B 116 -18.07 -9.31 -39.62
C ASN B 116 -19.56 -9.18 -39.27
N LYS B 117 -19.85 -9.04 -37.99
CA LYS B 117 -21.22 -8.94 -37.51
C LYS B 117 -21.78 -7.53 -37.76
N GLY B 118 -20.92 -6.62 -38.18
CA GLY B 118 -21.30 -5.24 -38.44
C GLY B 118 -21.29 -4.35 -37.20
N LEU B 119 -20.80 -4.85 -36.06
CA LEU B 119 -20.80 -4.06 -34.84
C LEU B 119 -19.48 -3.35 -34.55
N ALA B 120 -18.62 -3.21 -35.55
CA ALA B 120 -17.33 -2.54 -35.36
C ALA B 120 -16.90 -2.03 -36.72
N TYR B 121 -16.18 -0.91 -36.74
CA TYR B 121 -15.74 -0.34 -38.00
C TYR B 121 -14.48 0.40 -37.73
N VAL B 122 -13.68 0.60 -38.77
CA VAL B 122 -12.44 1.34 -38.62
C VAL B 122 -12.78 2.81 -38.85
N ASP B 123 -12.56 3.63 -37.83
CA ASP B 123 -12.83 5.04 -37.91
C ASP B 123 -11.54 5.80 -38.16
N GLU B 124 -11.62 6.84 -39.00
CA GLU B 124 -10.48 7.67 -39.35
C GLU B 124 -10.51 9.11 -38.83
N LEU B 125 -11.51 9.40 -37.99
CA LEU B 125 -11.65 10.70 -37.32
C LEU B 125 -10.37 10.87 -36.46
N THR B 126 -9.78 12.06 -36.43
CA THR B 126 -8.57 12.25 -35.63
C THR B 126 -8.89 12.09 -34.15
N PRO B 127 -7.85 12.15 -33.29
CA PRO B 127 -8.20 12.02 -31.90
C PRO B 127 -9.03 13.20 -31.37
N GLU B 128 -8.87 14.37 -31.95
CA GLU B 128 -9.64 15.53 -31.49
C GLU B 128 -11.04 15.44 -32.04
N GLN B 129 -11.14 14.94 -33.28
CA GLN B 129 -12.41 14.77 -33.98
C GLN B 129 -13.36 13.86 -33.22
N ILE B 130 -12.86 12.71 -32.78
CA ILE B 130 -13.66 11.73 -32.04
C ILE B 130 -14.37 12.36 -30.84
N ARG B 131 -13.66 13.24 -30.14
CA ARG B 131 -14.22 13.90 -28.98
C ARG B 131 -15.29 14.93 -29.41
N GLU B 132 -15.03 15.69 -30.49
CA GLU B 132 -15.99 16.66 -31.01
C GLU B 132 -17.28 15.95 -31.39
N TYR B 133 -17.14 14.79 -31.99
CA TYR B 133 -18.28 14.02 -32.40
C TYR B 133 -18.96 13.26 -31.26
N ARG B 134 -18.28 13.13 -30.12
CA ARG B 134 -18.82 12.33 -29.00
C ARG B 134 -20.05 12.83 -28.27
N GLY B 135 -20.29 14.14 -28.33
CA GLY B 135 -21.42 14.72 -27.63
C GLY B 135 -20.94 15.21 -26.29
N THR B 136 -21.85 15.48 -25.38
CA THR B 136 -21.48 15.94 -24.05
C THR B 136 -22.30 15.14 -23.05
N LEU B 137 -22.08 15.40 -21.77
CA LEU B 137 -22.83 14.72 -20.73
C LEU B 137 -24.34 14.93 -20.94
N THR B 138 -24.72 16.04 -21.59
CA THR B 138 -26.12 16.32 -21.83
C THR B 138 -26.50 16.56 -23.28
N GLN B 139 -25.60 16.30 -24.22
CA GLN B 139 -25.85 16.52 -25.63
C GLN B 139 -25.44 15.25 -26.37
N PRO B 140 -26.37 14.57 -27.06
CA PRO B 140 -26.05 13.35 -27.79
C PRO B 140 -24.93 13.51 -28.81
N GLY B 141 -24.21 12.42 -29.06
CA GLY B 141 -23.11 12.45 -30.01
C GLY B 141 -23.64 12.29 -31.41
N LYS B 142 -22.75 12.27 -32.39
CA LYS B 142 -23.15 12.14 -33.78
C LYS B 142 -22.34 11.08 -34.51
N ASN B 143 -22.97 10.35 -35.40
CA ASN B 143 -22.27 9.32 -36.17
C ASN B 143 -21.15 9.87 -37.07
N SER B 144 -20.01 9.17 -37.04
CA SER B 144 -18.84 9.51 -37.84
C SER B 144 -19.22 9.24 -39.29
N PRO B 145 -18.54 9.92 -40.23
CA PRO B 145 -18.86 9.68 -41.64
C PRO B 145 -18.33 8.33 -42.15
N TYR B 146 -17.41 7.73 -41.40
CA TYR B 146 -16.83 6.44 -41.78
C TYR B 146 -17.59 5.31 -41.11
N ARG B 147 -18.61 5.68 -40.34
CA ARG B 147 -19.40 4.71 -39.62
C ARG B 147 -20.05 3.61 -40.45
N ASP B 148 -20.41 3.91 -41.71
CA ASP B 148 -21.07 2.93 -42.55
C ASP B 148 -20.26 2.16 -43.60
N ARG B 149 -18.96 2.02 -43.41
CA ARG B 149 -18.17 1.28 -44.40
C ARG B 149 -18.66 -0.17 -44.44
N SER B 150 -18.20 -0.92 -45.43
CA SER B 150 -18.61 -2.30 -45.57
C SER B 150 -17.72 -3.20 -44.75
N VAL B 151 -18.22 -4.38 -44.41
CA VAL B 151 -17.49 -5.38 -43.66
C VAL B 151 -16.16 -5.63 -44.34
N GLU B 152 -16.21 -5.61 -45.66
CA GLU B 152 -15.05 -5.82 -46.49
C GLU B 152 -14.05 -4.69 -46.27
N GLU B 153 -14.50 -3.45 -46.21
CA GLU B 153 -13.60 -2.32 -46.02
C GLU B 153 -13.01 -2.31 -44.63
N ASN B 154 -13.86 -2.56 -43.62
CA ASN B 154 -13.41 -2.58 -42.22
C ASN B 154 -12.39 -3.67 -42.00
N LEU B 155 -12.62 -4.81 -42.63
CA LEU B 155 -11.71 -5.94 -42.50
C LEU B 155 -10.36 -5.55 -43.07
N ALA B 156 -10.35 -4.93 -44.24
CA ALA B 156 -9.12 -4.48 -44.90
C ALA B 156 -8.47 -3.35 -44.15
N LEU B 157 -9.26 -2.36 -43.76
CA LEU B 157 -8.75 -1.24 -43.00
C LEU B 157 -8.15 -1.72 -41.66
N PHE B 158 -8.83 -2.62 -40.96
CA PHE B 158 -8.32 -3.12 -39.68
C PHE B 158 -6.96 -3.82 -39.86
N GLU B 159 -6.86 -4.65 -40.89
CA GLU B 159 -5.62 -5.36 -41.19
C GLU B 159 -4.52 -4.36 -41.51
N LYS B 160 -4.89 -3.29 -42.19
CA LYS B 160 -3.98 -2.22 -42.54
C LYS B 160 -3.43 -1.68 -41.22
N MET B 161 -4.32 -1.52 -40.25
CA MET B 161 -3.93 -1.02 -38.95
C MET B 161 -2.98 -2.01 -38.30
N ARG B 162 -3.37 -3.28 -38.37
CA ARG B 162 -2.59 -4.36 -37.78
C ARG B 162 -1.19 -4.46 -38.38
N ALA B 163 -1.10 -4.38 -39.71
CA ALA B 163 0.17 -4.49 -40.39
C ALA B 163 1.09 -3.27 -40.28
N GLY B 164 0.65 -2.24 -39.58
CA GLY B 164 1.48 -1.05 -39.42
C GLY B 164 1.31 -0.01 -40.52
N GLY B 165 0.28 -0.19 -41.35
CA GLY B 165 0.06 0.72 -42.46
C GLY B 165 -0.43 2.12 -42.13
N PHE B 166 -0.85 2.36 -40.88
CA PHE B 166 -1.34 3.67 -40.45
C PHE B 166 -0.45 4.24 -39.38
N GLU B 167 -0.40 5.56 -39.35
CA GLU B 167 0.38 6.31 -38.38
C GLU B 167 -0.49 6.33 -37.12
N GLU B 168 0.14 6.46 -35.96
CA GLU B 168 -0.58 6.49 -34.70
C GLU B 168 -1.63 7.59 -34.71
N GLY B 169 -2.81 7.27 -34.20
CA GLY B 169 -3.88 8.24 -34.14
C GLY B 169 -4.64 8.40 -35.44
N LYS B 170 -4.09 7.84 -36.52
CA LYS B 170 -4.70 7.96 -37.82
C LYS B 170 -5.89 7.07 -38.02
N ALA B 171 -6.01 6.01 -37.24
CA ALA B 171 -7.16 5.13 -37.34
C ALA B 171 -7.38 4.36 -36.02
N CYS B 172 -8.56 3.80 -35.86
CA CYS B 172 -8.84 3.02 -34.66
C CYS B 172 -10.09 2.22 -34.96
N LEU B 173 -10.27 1.13 -34.25
CA LEU B 173 -11.44 0.30 -34.47
C LEU B 173 -12.39 0.72 -33.39
N ARG B 174 -13.61 1.07 -33.79
CA ARG B 174 -14.68 1.50 -32.89
C ARG B 174 -15.84 0.50 -32.94
N ALA B 175 -16.63 0.44 -31.87
CA ALA B 175 -17.78 -0.44 -31.85
C ALA B 175 -18.95 0.37 -32.38
N LYS B 176 -19.80 -0.24 -33.20
CA LYS B 176 -20.96 0.44 -33.75
C LYS B 176 -22.11 0.22 -32.76
N ILE B 177 -22.21 1.11 -31.76
CA ILE B 177 -23.24 0.98 -30.74
C ILE B 177 -24.37 1.99 -30.87
N ASP B 178 -24.37 3.01 -30.04
CA ASP B 178 -25.42 4.03 -30.06
C ASP B 178 -24.82 5.35 -29.67
N MET B 179 -24.59 6.21 -30.66
CA MET B 179 -24.00 7.53 -30.40
C MET B 179 -24.88 8.54 -29.62
N ALA B 180 -26.10 8.15 -29.27
CA ALA B 180 -27.01 9.02 -28.52
C ALA B 180 -27.29 8.42 -27.14
N SER B 181 -26.51 7.42 -26.76
CA SER B 181 -26.72 6.78 -25.48
C SER B 181 -26.53 7.74 -24.35
N PRO B 182 -27.29 7.56 -23.25
CA PRO B 182 -27.09 8.48 -22.12
C PRO B 182 -25.81 8.03 -21.44
N PHE B 183 -25.39 6.80 -21.79
CA PHE B 183 -24.16 6.17 -21.31
C PHE B 183 -23.08 6.55 -22.30
N ILE B 184 -22.20 7.45 -21.90
CA ILE B 184 -21.12 7.92 -22.77
C ILE B 184 -20.20 6.79 -23.23
N VAL B 185 -20.05 5.76 -22.41
CA VAL B 185 -19.19 4.63 -22.77
C VAL B 185 -19.76 3.85 -23.99
N MET B 186 -21.06 3.97 -24.21
CA MET B 186 -21.70 3.26 -25.32
C MET B 186 -21.71 4.04 -26.61
N ARG B 187 -21.16 5.24 -26.61
CA ARG B 187 -21.13 6.05 -27.81
C ARG B 187 -19.95 5.61 -28.66
N ASP B 188 -20.12 4.44 -29.28
CA ASP B 188 -19.11 3.86 -30.15
C ASP B 188 -17.73 3.80 -29.50
N PRO B 189 -17.62 3.10 -28.37
CA PRO B 189 -16.28 3.09 -27.79
C PRO B 189 -15.22 2.45 -28.69
N VAL B 190 -14.01 2.98 -28.59
CA VAL B 190 -12.85 2.49 -29.32
C VAL B 190 -12.48 1.13 -28.72
N LEU B 191 -12.14 0.20 -29.62
CA LEU B 191 -11.75 -1.15 -29.27
C LEU B 191 -10.24 -1.35 -29.37
N TYR B 192 -9.64 -0.74 -30.39
CA TYR B 192 -8.22 -0.86 -30.67
C TYR B 192 -7.64 0.49 -31.10
N ARG B 193 -6.37 0.72 -30.77
CA ARG B 193 -5.69 1.94 -31.17
C ARG B 193 -4.27 1.57 -31.55
N ILE B 194 -3.64 2.43 -32.34
CA ILE B 194 -2.26 2.23 -32.81
C ILE B 194 -1.21 2.85 -31.88
N LYS B 195 -0.26 1.99 -31.50
CA LYS B 195 0.84 2.35 -30.63
C LYS B 195 2.05 1.53 -31.08
N PHE B 196 3.04 2.18 -31.71
CA PHE B 196 4.27 1.49 -32.10
C PHE B 196 5.19 1.53 -30.88
N ALA B 197 4.79 0.86 -29.81
CA ALA B 197 5.59 0.87 -28.61
C ALA B 197 5.83 -0.58 -28.25
N GLU B 198 7.05 -0.90 -27.84
CA GLU B 198 7.41 -2.24 -27.45
C GLU B 198 6.67 -2.61 -26.17
N HIS B 199 6.15 -3.83 -26.14
CA HIS B 199 5.40 -4.33 -25.02
C HIS B 199 6.30 -5.25 -24.21
N HIS B 200 6.19 -5.15 -22.87
CA HIS B 200 6.99 -5.94 -21.94
C HIS B 200 6.82 -7.45 -21.94
N GLN B 201 5.87 -7.94 -22.75
CA GLN B 201 5.58 -9.37 -22.85
C GLN B 201 5.59 -9.88 -24.28
N THR B 202 5.09 -9.06 -25.20
CA THR B 202 4.97 -9.40 -26.61
C THR B 202 5.96 -8.65 -27.50
N GLY B 203 6.84 -7.87 -26.88
CA GLY B 203 7.84 -7.12 -27.63
C GLY B 203 7.20 -6.22 -28.65
N ASN B 204 7.55 -6.42 -29.92
CA ASN B 204 7.00 -5.62 -31.01
C ASN B 204 6.22 -6.43 -32.05
N LYS B 205 5.48 -7.44 -31.56
CA LYS B 205 4.68 -8.31 -32.42
C LYS B 205 3.38 -7.60 -32.73
N TRP B 206 3.06 -6.57 -31.95
CA TRP B 206 1.81 -5.87 -32.14
C TRP B 206 2.01 -4.39 -32.19
N CYS B 207 1.31 -3.73 -33.11
CA CYS B 207 1.38 -2.29 -33.21
C CYS B 207 0.02 -1.72 -32.81
N ILE B 208 -1.01 -2.58 -32.76
CA ILE B 208 -2.34 -2.17 -32.33
C ILE B 208 -2.61 -2.85 -30.99
N TYR B 209 -3.18 -2.11 -30.05
CA TYR B 209 -3.46 -2.63 -28.71
C TYR B 209 -4.94 -2.47 -28.36
N PRO B 210 -5.53 -3.48 -27.69
CA PRO B 210 -6.95 -3.40 -27.32
C PRO B 210 -7.21 -2.54 -26.11
N MET B 211 -8.37 -1.90 -26.09
CA MET B 211 -8.76 -1.04 -24.98
C MET B 211 -9.23 -1.86 -23.78
N TYR B 212 -9.24 -1.24 -22.61
CA TYR B 212 -9.65 -1.92 -21.39
C TYR B 212 -11.04 -2.56 -21.46
N ASP B 213 -12.04 -1.81 -21.91
CA ASP B 213 -13.39 -2.32 -21.93
C ASP B 213 -13.58 -3.53 -22.82
N PHE B 214 -12.81 -3.60 -23.91
CA PHE B 214 -12.91 -4.75 -24.80
C PHE B 214 -12.14 -5.94 -24.17
N THR B 215 -10.97 -5.66 -23.63
CA THR B 215 -10.10 -6.66 -23.04
C THR B 215 -10.61 -7.31 -21.77
N HIS B 216 -11.11 -6.49 -20.87
CA HIS B 216 -11.53 -7.01 -19.57
C HIS B 216 -12.59 -8.08 -19.45
N CYS B 217 -13.66 -7.96 -20.23
CA CYS B 217 -14.76 -8.91 -20.18
C CYS B 217 -14.40 -10.20 -20.89
N ILE B 218 -13.65 -10.10 -21.99
CA ILE B 218 -13.24 -11.28 -22.72
C ILE B 218 -12.25 -12.11 -21.90
N SER B 219 -11.25 -11.47 -21.28
CA SER B 219 -10.28 -12.16 -20.42
C SER B 219 -11.03 -12.89 -19.29
N ASP B 220 -11.92 -12.17 -18.61
CA ASP B 220 -12.72 -12.72 -17.53
C ASP B 220 -13.49 -13.91 -18.05
N ALA B 221 -14.22 -13.71 -19.14
CA ALA B 221 -15.04 -14.78 -19.71
C ALA B 221 -14.20 -16.01 -20.04
N LEU B 222 -13.05 -15.81 -20.66
CA LEU B 222 -12.16 -16.90 -21.02
C LEU B 222 -11.64 -17.63 -19.79
N GLU B 223 -11.33 -16.89 -18.74
CA GLU B 223 -10.82 -17.48 -17.52
C GLU B 223 -11.92 -18.13 -16.67
N GLY B 224 -13.17 -17.90 -17.06
CA GLY B 224 -14.28 -18.48 -16.33
C GLY B 224 -14.55 -17.77 -15.01
N ILE B 225 -14.30 -16.47 -14.97
CA ILE B 225 -14.53 -15.70 -13.75
C ILE B 225 -16.04 -15.73 -13.55
N THR B 226 -16.50 -16.01 -12.34
CA THR B 226 -17.93 -16.05 -12.08
C THR B 226 -18.40 -14.70 -11.61
N HIS B 227 -17.53 -13.96 -10.92
CA HIS B 227 -17.84 -12.62 -10.40
C HIS B 227 -16.71 -11.65 -10.65
N SER B 228 -16.93 -10.68 -11.53
CA SER B 228 -15.92 -9.70 -11.79
C SER B 228 -16.15 -8.56 -10.78
N LEU B 229 -15.27 -8.50 -9.76
CA LEU B 229 -15.34 -7.48 -8.71
C LEU B 229 -14.43 -6.30 -8.96
N CYS B 230 -14.98 -5.11 -8.99
CA CYS B 230 -14.15 -3.95 -9.21
C CYS B 230 -14.69 -2.72 -8.48
N THR B 231 -14.09 -1.56 -8.66
CA THR B 231 -14.53 -0.38 -7.94
C THR B 231 -15.65 0.37 -8.63
N LEU B 232 -16.23 1.33 -7.92
CA LEU B 232 -17.36 2.08 -8.44
C LEU B 232 -17.19 2.86 -9.74
N GLU B 233 -15.97 3.31 -10.09
CA GLU B 233 -15.79 4.04 -11.34
C GLU B 233 -16.19 3.20 -12.54
N PHE B 234 -16.18 1.88 -12.37
CA PHE B 234 -16.52 1.02 -13.48
C PHE B 234 -17.98 0.65 -13.51
N GLN B 235 -18.80 1.39 -12.79
CA GLN B 235 -20.23 1.10 -12.78
C GLN B 235 -20.82 1.38 -14.14
N ASP B 236 -20.43 2.50 -14.74
CA ASP B 236 -20.91 2.88 -16.08
C ASP B 236 -20.41 1.90 -17.14
N ASN B 237 -19.16 1.46 -16.98
CA ASN B 237 -18.53 0.54 -17.91
C ASN B 237 -19.19 -0.83 -18.02
N ARG B 238 -19.93 -1.26 -17.00
CA ARG B 238 -20.60 -2.55 -16.99
C ARG B 238 -21.48 -2.77 -18.21
N ARG B 239 -22.10 -1.69 -18.68
CA ARG B 239 -22.96 -1.74 -19.87
C ARG B 239 -22.19 -2.22 -21.10
N LEU B 240 -20.95 -1.75 -21.23
CA LEU B 240 -20.08 -2.12 -22.34
C LEU B 240 -19.56 -3.54 -22.16
N TYR B 241 -19.30 -3.90 -20.92
CA TYR B 241 -18.83 -5.24 -20.57
C TYR B 241 -19.89 -6.23 -21.05
N ASP B 242 -21.15 -5.98 -20.69
CA ASP B 242 -22.25 -6.86 -21.10
C ASP B 242 -22.52 -6.82 -22.61
N TRP B 243 -22.32 -5.66 -23.23
CA TRP B 243 -22.53 -5.52 -24.67
C TRP B 243 -21.54 -6.42 -25.38
N VAL B 244 -20.26 -6.24 -25.09
CA VAL B 244 -19.21 -7.02 -25.74
C VAL B 244 -19.46 -8.51 -25.64
N LEU B 245 -19.89 -9.00 -24.49
CA LEU B 245 -20.11 -10.42 -24.36
C LEU B 245 -21.40 -10.85 -25.01
N ASP B 246 -22.44 -10.02 -24.93
CA ASP B 246 -23.72 -10.35 -25.56
C ASP B 246 -23.57 -10.48 -27.07
N ASN B 247 -22.56 -9.81 -27.63
CA ASN B 247 -22.33 -9.79 -29.07
C ASN B 247 -21.23 -10.60 -29.72
N ILE B 248 -20.58 -11.50 -28.99
CA ILE B 248 -19.51 -12.32 -29.55
C ILE B 248 -19.84 -13.75 -29.23
N THR B 249 -19.24 -14.69 -29.93
CA THR B 249 -19.50 -16.09 -29.66
C THR B 249 -18.60 -16.57 -28.53
N ILE B 250 -19.11 -16.46 -27.31
CA ILE B 250 -18.39 -16.84 -26.10
C ILE B 250 -19.41 -17.54 -25.21
N PRO B 251 -19.06 -18.70 -24.62
CA PRO B 251 -19.91 -19.50 -23.76
C PRO B 251 -20.29 -19.08 -22.32
N VAL B 252 -19.62 -18.10 -21.75
CA VAL B 252 -19.99 -17.71 -20.40
C VAL B 252 -20.21 -16.24 -20.30
N HIS B 253 -20.70 -15.78 -19.16
CA HIS B 253 -20.92 -14.35 -18.98
C HIS B 253 -20.74 -13.92 -17.53
N PRO B 254 -19.49 -13.66 -17.10
CA PRO B 254 -19.21 -13.23 -15.72
C PRO B 254 -20.03 -12.00 -15.38
N ARG B 255 -20.42 -11.85 -14.13
CA ARG B 255 -21.21 -10.70 -13.73
C ARG B 255 -20.34 -9.82 -12.89
N GLN B 256 -20.48 -8.51 -13.10
CA GLN B 256 -19.68 -7.50 -12.41
C GLN B 256 -20.40 -6.84 -11.22
N TYR B 257 -19.64 -6.60 -10.16
CA TYR B 257 -20.16 -6.01 -8.94
C TYR B 257 -19.08 -5.05 -8.50
N GLU B 258 -19.49 -3.86 -8.13
CA GLU B 258 -18.59 -2.77 -7.74
C GLU B 258 -18.68 -2.39 -6.27
N PHE B 259 -17.54 -2.01 -5.68
CA PHE B 259 -17.50 -1.59 -4.29
C PHE B 259 -16.72 -0.29 -4.20
N SER B 260 -16.85 0.42 -3.08
CA SER B 260 -16.15 1.69 -2.91
C SER B 260 -14.67 1.45 -2.66
N ARG B 261 -13.83 2.27 -3.26
CA ARG B 261 -12.40 2.10 -3.09
C ARG B 261 -11.99 2.75 -1.79
N LEU B 262 -10.90 2.25 -1.22
CA LEU B 262 -10.38 2.77 0.03
C LEU B 262 -9.70 4.12 -0.16
N ASN B 263 -9.92 5.01 0.82
CA ASN B 263 -9.29 6.31 0.84
C ASN B 263 -8.81 6.36 2.26
N LEU B 264 -7.57 6.76 2.47
CA LEU B 264 -6.97 6.81 3.80
C LEU B 264 -6.58 8.22 4.05
N GLU B 265 -6.89 8.73 5.23
CA GLU B 265 -6.59 10.12 5.60
C GLU B 265 -5.10 10.43 5.60
N TYR B 266 -4.77 11.65 5.20
CA TYR B 266 -3.40 12.12 5.17
C TYR B 266 -2.53 11.43 4.15
N THR B 267 -3.15 10.80 3.17
CA THR B 267 -2.36 10.11 2.17
C THR B 267 -3.03 10.07 0.80
N VAL B 268 -2.23 9.85 -0.23
CA VAL B 268 -2.72 9.76 -1.60
C VAL B 268 -2.61 8.30 -1.96
N MET B 269 -3.65 7.77 -2.57
CA MET B 269 -3.72 6.36 -2.91
C MET B 269 -3.72 6.13 -4.43
N SER B 270 -3.26 7.12 -5.20
CA SER B 270 -3.29 6.95 -6.64
C SER B 270 -1.92 6.77 -7.25
N LYS B 271 -1.79 5.74 -8.09
CA LYS B 271 -0.52 5.44 -8.74
C LYS B 271 0.10 6.68 -9.40
N ARG B 272 -0.73 7.55 -9.96
CA ARG B 272 -0.21 8.75 -10.61
C ARG B 272 0.45 9.73 -9.64
N LYS B 273 -0.14 9.90 -8.45
CA LYS B 273 0.42 10.80 -7.44
C LYS B 273 1.58 10.15 -6.69
N LEU B 274 1.47 8.84 -6.48
CA LEU B 274 2.51 8.07 -5.81
C LEU B 274 3.73 8.00 -6.73
N ASN B 275 3.45 8.01 -8.02
CA ASN B 275 4.49 7.96 -9.02
C ASN B 275 5.25 9.28 -8.95
N LEU B 276 4.51 10.38 -8.84
CA LEU B 276 5.11 11.72 -8.78
C LEU B 276 6.02 11.94 -7.58
N LEU B 277 5.63 11.39 -6.44
CA LEU B 277 6.42 11.48 -5.21
C LEU B 277 7.73 10.74 -5.45
N VAL B 278 7.62 9.63 -6.18
CA VAL B 278 8.75 8.79 -6.51
C VAL B 278 9.62 9.40 -7.59
N THR B 279 8.99 9.91 -8.64
CA THR B 279 9.69 10.53 -9.77
C THR B 279 10.40 11.84 -9.39
N ASP B 280 9.74 12.67 -8.61
CA ASP B 280 10.33 13.92 -8.20
C ASP B 280 11.24 13.78 -7.01
N LYS B 281 11.37 12.57 -6.50
CA LYS B 281 12.25 12.29 -5.37
C LYS B 281 11.89 12.89 -4.03
N HIS B 282 10.61 12.90 -3.67
CA HIS B 282 10.20 13.43 -2.37
C HIS B 282 10.06 12.33 -1.31
N VAL B 283 10.40 11.11 -1.69
CA VAL B 283 10.38 9.93 -0.83
C VAL B 283 11.48 9.05 -1.42
N GLU B 284 12.08 8.17 -0.62
CA GLU B 284 13.15 7.30 -1.12
C GLU B 284 12.75 6.45 -2.34
N GLY B 285 11.53 5.92 -2.34
CA GLY B 285 11.10 5.14 -3.48
C GLY B 285 9.71 4.65 -3.16
N TRP B 286 9.20 3.73 -3.98
CA TRP B 286 7.88 3.19 -3.75
C TRP B 286 7.83 2.53 -2.40
N ASP B 287 8.97 2.02 -1.94
CA ASP B 287 9.03 1.35 -0.65
C ASP B 287 9.42 2.23 0.55
N ASP B 288 9.35 3.55 0.36
CA ASP B 288 9.69 4.48 1.44
C ASP B 288 8.70 4.18 2.55
N PRO B 289 9.18 4.05 3.78
CA PRO B 289 8.27 3.75 4.90
C PRO B 289 7.08 4.68 5.12
N ARG B 290 7.07 5.86 4.49
CA ARG B 290 5.95 6.81 4.66
C ARG B 290 4.93 6.60 3.57
N MET B 291 5.26 5.75 2.61
CA MET B 291 4.40 5.45 1.47
C MET B 291 3.32 4.47 1.86
N PRO B 292 2.13 4.58 1.24
CA PRO B 292 0.97 3.72 1.48
C PRO B 292 1.03 2.44 0.62
N THR B 293 2.16 2.22 -0.03
CA THR B 293 2.34 1.03 -0.84
C THR B 293 2.47 -0.13 0.14
N ILE B 294 2.29 -1.36 -0.34
CA ILE B 294 2.43 -2.55 0.51
C ILE B 294 3.90 -2.68 0.93
N SER B 295 4.81 -2.41 0.00
CA SER B 295 6.22 -2.50 0.28
C SER B 295 6.69 -1.43 1.30
N GLY B 296 6.13 -0.23 1.20
CA GLY B 296 6.49 0.83 2.11
C GLY B 296 5.93 0.46 3.47
N LEU B 297 4.67 0.03 3.51
CA LEU B 297 4.03 -0.38 4.76
C LEU B 297 4.84 -1.50 5.40
N ARG B 298 5.40 -2.37 4.55
CA ARG B 298 6.21 -3.50 4.96
C ARG B 298 7.55 -3.03 5.51
N ARG B 299 8.25 -2.17 4.78
CA ARG B 299 9.53 -1.65 5.23
C ARG B 299 9.34 -0.91 6.54
N ARG B 300 8.21 -0.23 6.66
CA ARG B 300 7.85 0.54 7.84
C ARG B 300 7.70 -0.37 9.04
N GLY B 301 7.35 -1.63 8.81
CA GLY B 301 7.20 -2.55 9.92
C GLY B 301 5.85 -3.18 10.10
N TYR B 302 4.96 -3.02 9.11
CA TYR B 302 3.64 -3.62 9.19
C TYR B 302 3.72 -5.11 8.88
N THR B 303 2.84 -5.86 9.54
CA THR B 303 2.76 -7.29 9.35
C THR B 303 1.66 -7.56 8.33
N ALA B 304 1.92 -8.41 7.34
CA ALA B 304 0.89 -8.73 6.34
C ALA B 304 -0.42 -9.07 7.06
N ALA B 305 -0.28 -9.65 8.24
CA ALA B 305 -1.43 -10.03 9.05
C ALA B 305 -2.23 -8.85 9.55
N SER B 306 -1.56 -7.76 9.92
CA SER B 306 -2.24 -6.55 10.41
C SER B 306 -2.98 -5.81 9.29
N ILE B 307 -2.43 -5.90 8.08
CA ILE B 307 -3.03 -5.29 6.90
C ILE B 307 -4.32 -6.07 6.56
N ARG B 308 -4.25 -7.40 6.68
CA ARG B 308 -5.42 -8.24 6.43
C ARG B 308 -6.52 -8.01 7.46
N GLU B 309 -6.14 -7.76 8.71
CA GLU B 309 -7.13 -7.48 9.74
C GLU B 309 -7.76 -6.14 9.42
N PHE B 310 -6.94 -5.22 8.92
CA PHE B 310 -7.39 -3.88 8.56
C PHE B 310 -8.53 -4.00 7.54
N CYS B 311 -8.26 -4.75 6.48
CA CYS B 311 -9.21 -4.97 5.42
C CYS B 311 -10.46 -5.67 5.97
N LYS B 312 -10.25 -6.59 6.90
CA LYS B 312 -11.36 -7.30 7.52
C LYS B 312 -12.23 -6.30 8.32
N ARG B 313 -11.57 -5.34 8.96
CA ARG B 313 -12.26 -4.33 9.76
C ARG B 313 -13.01 -3.24 8.99
N ILE B 314 -12.41 -2.73 7.92
CA ILE B 314 -13.04 -1.65 7.15
C ILE B 314 -14.28 -1.99 6.30
N GLY B 315 -14.48 -3.26 5.98
CA GLY B 315 -15.65 -3.66 5.22
C GLY B 315 -15.63 -3.46 3.71
N VAL B 316 -16.69 -3.87 3.03
CA VAL B 316 -16.81 -3.73 1.58
C VAL B 316 -18.23 -3.23 1.31
N THR B 317 -18.39 -1.98 0.90
CA THR B 317 -19.72 -1.44 0.62
C THR B 317 -19.67 -0.65 -0.68
N LYS B 318 -20.73 0.12 -0.95
CA LYS B 318 -20.75 0.98 -2.12
C LYS B 318 -20.71 2.45 -1.69
N GLN B 319 -20.56 2.68 -0.39
CA GLN B 319 -20.47 4.03 0.12
C GLN B 319 -19.04 4.51 0.05
N ASP B 320 -18.82 5.71 -0.49
CA ASP B 320 -17.47 6.23 -0.55
C ASP B 320 -17.05 6.46 0.90
N ASN B 321 -15.78 6.24 1.20
CA ASN B 321 -15.30 6.37 2.57
C ASN B 321 -13.86 6.84 2.61
N THR B 322 -13.46 7.30 3.78
CA THR B 322 -12.10 7.74 4.01
C THR B 322 -11.74 7.36 5.43
N ILE B 323 -11.03 6.25 5.52
CA ILE B 323 -10.59 5.69 6.77
C ILE B 323 -9.52 6.57 7.41
N GLU B 324 -9.57 6.65 8.74
CA GLU B 324 -8.60 7.43 9.51
C GLU B 324 -7.34 6.59 9.75
N MET B 325 -6.20 7.27 9.96
CA MET B 325 -4.93 6.57 10.22
C MET B 325 -5.03 5.76 11.51
N ALA B 326 -5.78 6.29 12.47
CA ALA B 326 -5.97 5.65 13.77
C ALA B 326 -6.40 4.19 13.65
N SER B 327 -7.24 3.91 12.65
CA SER B 327 -7.74 2.56 12.40
C SER B 327 -6.66 1.60 11.94
N LEU B 328 -5.84 2.03 11.00
CA LEU B 328 -4.76 1.18 10.51
C LEU B 328 -3.80 0.91 11.68
N GLU B 329 -3.45 1.98 12.37
CA GLU B 329 -2.53 1.92 13.50
C GLU B 329 -3.01 0.98 14.58
N SER B 330 -4.31 1.00 14.86
CA SER B 330 -4.85 0.11 15.86
C SER B 330 -4.50 -1.31 15.46
N CYS B 331 -4.61 -1.61 14.16
CA CYS B 331 -4.31 -2.95 13.68
C CYS B 331 -2.87 -3.40 13.95
N ILE B 332 -1.88 -2.62 13.52
CA ILE B 332 -0.47 -3.00 13.74
C ILE B 332 -0.14 -3.03 15.22
N ARG B 333 -0.66 -2.07 15.98
CA ARG B 333 -0.44 -2.06 17.42
C ARG B 333 -0.99 -3.35 18.05
N GLU B 334 -2.22 -3.72 17.70
CA GLU B 334 -2.83 -4.91 18.25
C GLU B 334 -1.93 -6.14 18.00
N ASP B 335 -1.24 -6.17 16.87
CA ASP B 335 -0.35 -7.28 16.52
C ASP B 335 0.96 -7.26 17.32
N LEU B 336 1.71 -6.17 17.17
CA LEU B 336 2.99 -5.99 17.83
C LEU B 336 2.96 -5.90 19.35
N ASN B 337 1.82 -5.48 19.89
CA ASN B 337 1.64 -5.37 21.33
C ASN B 337 1.78 -6.74 21.97
N GLU B 338 1.24 -7.75 21.30
CA GLU B 338 1.29 -9.11 21.80
C GLU B 338 2.53 -9.88 21.38
N ASN B 339 2.97 -9.67 20.15
CA ASN B 339 4.10 -10.40 19.61
C ASN B 339 5.50 -9.83 19.76
N ALA B 340 5.62 -8.52 19.90
CA ALA B 340 6.96 -7.92 19.98
C ALA B 340 7.66 -7.93 21.33
N PRO B 341 8.94 -8.30 21.33
CA PRO B 341 9.78 -8.36 22.54
C PRO B 341 10.26 -6.94 22.88
N ARG B 342 10.17 -6.59 24.16
CA ARG B 342 10.55 -5.27 24.62
C ARG B 342 12.03 -5.07 24.65
N ALA B 343 12.46 -3.81 24.60
CA ALA B 343 13.86 -3.48 24.63
C ALA B 343 13.99 -2.03 25.08
N MET B 344 15.23 -1.60 25.29
CA MET B 344 15.48 -0.24 25.73
C MET B 344 16.32 0.55 24.71
N ALA B 345 15.84 1.74 24.38
CA ALA B 345 16.54 2.63 23.47
C ALA B 345 16.21 4.02 23.95
N VAL B 346 17.09 4.96 23.63
CA VAL B 346 16.89 6.36 24.02
C VAL B 346 17.11 7.18 22.74
N ILE B 347 16.03 7.85 22.28
CA ILE B 347 16.07 8.67 21.06
C ILE B 347 16.83 9.99 21.25
N ASP B 348 16.54 10.69 22.34
CA ASP B 348 17.24 11.94 22.66
C ASP B 348 18.02 11.62 23.94
N PRO B 349 19.36 11.64 23.84
CA PRO B 349 20.04 11.30 25.10
C PRO B 349 20.78 12.39 25.87
N VAL B 350 20.56 12.41 27.17
CA VAL B 350 21.24 13.36 28.04
C VAL B 350 21.98 12.48 29.07
N LYS B 351 23.27 12.76 29.28
CA LYS B 351 24.02 11.93 30.24
C LYS B 351 23.58 12.08 31.68
N LEU B 352 23.46 10.95 32.37
CA LEU B 352 23.08 10.97 33.77
C LEU B 352 24.16 10.19 34.50
N VAL B 353 24.76 10.79 35.52
CA VAL B 353 25.80 10.11 36.28
C VAL B 353 25.39 9.91 37.73
N ILE B 354 25.36 8.64 38.14
CA ILE B 354 25.02 8.26 39.50
C ILE B 354 26.34 8.21 40.27
N GLU B 355 26.71 9.33 40.88
CA GLU B 355 27.95 9.41 41.64
C GLU B 355 27.95 8.49 42.85
N ASN B 356 26.77 8.00 43.19
CA ASN B 356 26.61 7.07 44.31
C ASN B 356 26.94 5.63 43.90
N TYR B 357 27.02 5.38 42.60
CA TYR B 357 27.32 4.03 42.10
C TYR B 357 28.81 3.83 41.98
N GLN B 358 29.31 2.74 42.52
CA GLN B 358 30.74 2.44 42.43
C GLN B 358 30.92 1.14 41.65
N GLY B 359 32.00 1.10 40.87
CA GLY B 359 32.29 -0.08 40.07
C GLY B 359 32.18 0.21 38.59
N GLU B 360 32.28 -0.85 37.79
CA GLU B 360 32.18 -0.72 36.34
C GLU B 360 30.86 -1.30 35.84
N GLY B 361 29.88 -1.31 36.72
CA GLY B 361 28.56 -1.80 36.38
C GLY B 361 28.24 -3.17 36.94
N GLU B 362 27.13 -3.71 36.48
CA GLU B 362 26.66 -5.04 36.87
C GLU B 362 25.67 -5.45 35.78
N MET B 363 24.90 -6.49 36.03
CA MET B 363 23.92 -6.95 35.06
C MET B 363 22.55 -7.02 35.72
N VAL B 364 21.53 -6.66 34.96
CA VAL B 364 20.15 -6.66 35.43
C VAL B 364 19.26 -7.53 34.55
N THR B 365 18.42 -8.33 35.19
CA THR B 365 17.52 -9.22 34.49
C THR B 365 16.33 -8.42 33.99
N MET B 366 16.06 -8.53 32.69
CA MET B 366 14.97 -7.82 32.04
C MET B 366 14.02 -8.77 31.29
N PRO B 367 12.71 -8.51 31.38
CA PRO B 367 11.74 -9.38 30.69
C PRO B 367 11.65 -9.02 29.20
N ASN B 368 11.44 -10.03 28.37
CA ASN B 368 11.29 -9.84 26.92
C ASN B 368 9.87 -9.42 26.57
N HIS B 369 8.94 -9.66 27.49
CA HIS B 369 7.55 -9.25 27.33
C HIS B 369 6.87 -9.22 28.70
N PRO B 370 6.79 -8.03 29.30
CA PRO B 370 6.17 -7.84 30.61
C PRO B 370 4.96 -8.71 30.89
N ASN B 371 3.87 -8.52 30.16
CA ASN B 371 2.66 -9.31 30.39
C ASN B 371 2.68 -10.72 29.82
N LYS B 372 3.85 -11.21 29.44
CA LYS B 372 3.99 -12.55 28.87
C LYS B 372 5.35 -13.15 29.20
N PRO B 373 5.50 -13.72 30.40
CA PRO B 373 6.75 -14.33 30.86
C PRO B 373 7.35 -15.39 29.93
N GLU B 374 6.49 -16.14 29.25
CA GLU B 374 6.93 -17.20 28.35
C GLU B 374 7.87 -16.77 27.25
N MET B 375 7.92 -15.47 26.94
CA MET B 375 8.82 -14.98 25.90
C MET B 375 10.27 -14.92 26.41
N GLY B 376 10.45 -15.21 27.70
CA GLY B 376 11.77 -15.24 28.30
C GLY B 376 12.25 -13.93 28.85
N SER B 377 13.47 -13.93 29.37
CA SER B 377 14.11 -12.74 29.93
C SER B 377 15.52 -12.61 29.36
N ARG B 378 16.10 -11.42 29.47
CA ARG B 378 17.46 -11.17 28.99
C ARG B 378 18.27 -10.44 30.07
N GLN B 379 19.58 -10.52 29.98
CA GLN B 379 20.48 -9.91 30.95
C GLN B 379 21.02 -8.63 30.32
N VAL B 380 20.72 -7.49 30.94
CA VAL B 380 21.13 -6.18 30.44
C VAL B 380 22.12 -5.51 31.37
N PRO B 381 23.16 -4.85 30.82
CA PRO B 381 24.13 -4.19 31.73
C PRO B 381 23.68 -2.86 32.35
N PHE B 382 23.96 -2.70 33.64
CA PHE B 382 23.64 -1.47 34.35
C PHE B 382 24.94 -0.81 34.80
N SER B 383 24.90 0.50 35.05
CA SER B 383 26.08 1.23 35.53
C SER B 383 25.74 2.65 36.00
N GLY B 384 26.75 3.37 36.51
CA GLY B 384 26.56 4.72 37.01
C GLY B 384 26.67 5.85 36.01
N GLU B 385 26.86 5.53 34.74
CA GLU B 385 26.93 6.54 33.70
C GLU B 385 26.05 6.05 32.58
N ILE B 386 24.75 6.25 32.77
CA ILE B 386 23.76 5.80 31.83
C ILE B 386 23.33 6.93 30.86
N TRP B 387 22.24 6.66 30.15
CA TRP B 387 21.66 7.63 29.24
C TRP B 387 20.18 7.56 29.53
N ILE B 388 19.52 8.70 29.45
CA ILE B 388 18.08 8.81 29.63
C ILE B 388 17.57 9.79 28.58
N ASP B 389 16.27 9.69 28.32
CA ASP B 389 15.65 10.56 27.36
C ASP B 389 15.40 11.90 28.05
N ARG B 390 15.85 12.97 27.40
CA ARG B 390 15.68 14.31 27.94
C ARG B 390 14.28 14.57 28.47
N ALA B 391 13.25 14.20 27.71
CA ALA B 391 11.88 14.41 28.13
C ALA B 391 11.56 13.81 29.52
N ASP B 392 12.48 12.99 30.03
CA ASP B 392 12.29 12.34 31.32
C ASP B 392 12.75 13.17 32.52
N PHE B 393 13.61 14.15 32.28
CA PHE B 393 14.10 14.99 33.35
C PHE B 393 13.53 16.40 33.23
N ARG B 394 12.89 16.86 34.30
CA ARG B 394 12.30 18.20 34.38
C ARG B 394 12.61 18.74 35.77
N GLU B 395 13.29 19.88 35.82
CA GLU B 395 13.63 20.51 37.11
C GLU B 395 12.38 20.89 37.91
N GLU B 396 11.25 21.04 37.23
CA GLU B 396 9.99 21.43 37.86
C GLU B 396 8.79 20.66 37.30
N ALA B 397 7.73 20.44 38.11
CA ALA B 397 6.54 19.70 37.66
C ALA B 397 5.32 19.52 38.59
N ASN B 398 4.12 19.45 38.00
CA ASN B 398 2.84 19.25 38.73
C ASN B 398 2.61 17.85 39.31
N LYS B 399 1.46 17.66 39.96
CA LYS B 399 1.10 16.38 40.59
C LYS B 399 1.03 15.24 39.55
N GLN B 400 0.88 15.60 38.27
CA GLN B 400 0.78 14.59 37.22
C GLN B 400 2.05 14.17 36.47
N TYR B 401 2.96 15.11 36.22
CA TYR B 401 4.23 14.78 35.53
C TYR B 401 4.98 13.74 36.35
N LYS B 402 4.87 12.48 35.94
CA LYS B 402 5.48 11.37 36.65
C LYS B 402 6.97 11.05 36.53
N ARG B 403 7.70 11.70 35.64
CA ARG B 403 9.12 11.37 35.49
C ARG B 403 10.12 12.01 36.49
N LEU B 404 11.38 12.15 36.10
CA LEU B 404 12.41 12.70 37.00
C LEU B 404 12.40 14.21 37.15
N VAL B 405 12.32 14.63 38.41
CA VAL B 405 12.32 16.05 38.78
C VAL B 405 13.55 16.31 39.66
N LEU B 406 14.10 17.53 39.57
CA LEU B 406 15.31 17.89 40.33
C LEU B 406 15.23 17.82 41.86
N GLY B 407 14.17 17.25 42.38
CA GLY B 407 14.05 17.11 43.82
C GLY B 407 13.13 15.94 44.04
N LYS B 408 13.46 14.81 43.40
CA LYS B 408 12.64 13.62 43.50
C LYS B 408 13.36 12.44 42.87
N GLU B 409 12.80 11.26 43.06
CA GLU B 409 13.35 10.04 42.52
C GLU B 409 12.38 9.43 41.51
N VAL B 410 12.87 8.45 40.75
CA VAL B 410 12.07 7.70 39.76
C VAL B 410 12.71 6.34 39.59
N ARG B 411 11.91 5.36 39.20
CA ARG B 411 12.38 4.01 38.98
C ARG B 411 13.02 3.83 37.62
N LEU B 412 14.33 3.54 37.60
CA LEU B 412 14.99 3.28 36.34
C LEU B 412 14.44 1.91 35.94
N ARG B 413 13.97 1.84 34.70
CA ARG B 413 13.35 0.63 34.17
C ARG B 413 14.12 -0.65 34.46
N ASN B 414 13.44 -1.61 35.10
CA ASN B 414 14.00 -2.91 35.47
C ASN B 414 15.26 -2.83 36.32
N ALA B 415 15.45 -1.70 36.97
CA ALA B 415 16.63 -1.51 37.81
C ALA B 415 16.32 -0.82 39.15
N TYR B 416 17.11 0.21 39.45
CA TYR B 416 17.05 0.95 40.69
C TYR B 416 16.23 2.24 40.69
N VAL B 417 15.93 2.72 41.89
CA VAL B 417 15.23 4.00 42.06
C VAL B 417 16.41 4.96 42.24
N ILE B 418 16.45 6.02 41.45
CA ILE B 418 17.53 6.99 41.55
C ILE B 418 16.90 8.32 41.90
N LYS B 419 17.71 9.30 42.26
CA LYS B 419 17.23 10.63 42.63
C LYS B 419 18.19 11.72 42.13
N ALA B 420 17.67 12.58 41.26
CA ALA B 420 18.46 13.67 40.70
C ALA B 420 18.64 14.69 41.80
N GLU B 421 19.88 15.15 42.00
CA GLU B 421 20.16 16.13 43.05
C GLU B 421 20.97 17.31 42.57
N ARG B 422 21.24 17.34 41.27
CA ARG B 422 22.01 18.43 40.70
C ARG B 422 21.83 18.29 39.21
N VAL B 423 22.54 19.11 38.46
CA VAL B 423 22.49 19.09 37.03
C VAL B 423 23.63 20.02 36.61
N GLU B 424 23.92 20.10 35.34
CA GLU B 424 25.00 20.95 34.87
C GLU B 424 24.63 21.32 33.46
N LYS B 425 24.95 22.54 33.06
CA LYS B 425 24.60 23.00 31.73
C LYS B 425 25.79 23.47 30.95
N ASP B 426 25.53 23.98 29.75
CA ASP B 426 26.58 24.48 28.88
C ASP B 426 26.27 25.94 28.56
N ALA B 427 26.84 26.43 27.45
CA ALA B 427 26.65 27.80 26.97
C ALA B 427 25.18 28.21 26.95
N GLU B 428 24.42 27.69 25.98
CA GLU B 428 23.02 28.05 25.86
C GLU B 428 22.20 27.71 27.10
N GLY B 429 22.84 27.10 28.09
CA GLY B 429 22.10 26.75 29.29
C GLY B 429 21.43 25.40 29.15
N ASN B 430 21.85 24.67 28.11
CA ASN B 430 21.34 23.32 27.86
C ASN B 430 22.04 22.43 28.85
N ILE B 431 21.31 21.47 29.39
CA ILE B 431 21.87 20.51 30.33
C ILE B 431 22.81 19.59 29.57
N THR B 432 23.90 19.17 30.20
CA THR B 432 24.81 18.23 29.55
C THR B 432 24.92 16.96 30.40
N THR B 433 24.65 17.08 31.70
CA THR B 433 24.71 15.93 32.57
C THR B 433 23.91 16.13 33.84
N ILE B 434 23.20 15.08 34.24
CA ILE B 434 22.37 15.12 35.44
C ILE B 434 23.07 14.24 36.46
N PHE B 435 23.32 14.78 37.65
CA PHE B 435 23.97 14.01 38.71
C PHE B 435 22.93 13.53 39.68
N CYS B 436 22.91 12.21 39.92
CA CYS B 436 21.94 11.61 40.81
C CYS B 436 22.59 10.58 41.71
N THR B 437 21.80 10.04 42.64
CA THR B 437 22.28 9.00 43.55
C THR B 437 21.28 7.87 43.49
N TYR B 438 21.73 6.63 43.53
CA TYR B 438 20.82 5.50 43.48
C TYR B 438 20.58 4.90 44.87
N ASP B 439 19.56 4.06 44.99
CA ASP B 439 19.27 3.41 46.26
C ASP B 439 19.97 2.05 46.29
N ALA B 440 20.15 1.52 47.50
CA ALA B 440 20.82 0.24 47.70
C ALA B 440 20.12 -0.96 47.06
N ASP B 441 19.01 -1.40 47.65
CA ASP B 441 18.28 -2.55 47.14
C ASP B 441 16.92 -2.11 46.60
N THR B 442 16.93 -1.16 45.67
CA THR B 442 15.69 -0.67 45.10
C THR B 442 15.23 -1.46 43.90
N LEU B 443 14.93 -2.74 44.14
CA LEU B 443 14.45 -3.65 43.11
C LEU B 443 14.00 -4.95 43.74
N GLY B 455 7.71 8.09 39.14
CA GLY B 455 7.38 7.36 37.94
C GLY B 455 8.50 6.46 37.46
N VAL B 456 8.35 5.91 36.25
CA VAL B 456 9.34 4.99 35.66
C VAL B 456 9.93 5.57 34.38
N ILE B 457 11.16 5.19 34.05
CA ILE B 457 11.81 5.65 32.81
C ILE B 457 12.83 4.65 32.25
N HIS B 458 12.85 4.50 30.94
CA HIS B 458 13.77 3.58 30.26
C HIS B 458 15.15 4.22 30.22
N TRP B 459 16.19 3.42 30.08
CA TRP B 459 17.55 3.95 30.06
C TRP B 459 18.55 3.10 29.28
N VAL B 460 19.76 3.63 29.11
CA VAL B 460 20.85 2.95 28.39
C VAL B 460 22.21 3.31 29.01
N SER B 461 22.91 2.33 29.56
CA SER B 461 24.23 2.53 30.17
C SER B 461 25.19 2.99 29.06
N ALA B 462 25.72 4.19 29.21
CA ALA B 462 26.60 4.74 28.18
C ALA B 462 27.79 3.89 27.74
N ALA B 463 28.24 2.99 28.61
CA ALA B 463 29.39 2.14 28.34
C ALA B 463 29.09 1.04 27.33
N HIS B 464 27.96 0.39 27.51
CA HIS B 464 27.51 -0.68 26.63
C HIS B 464 26.30 -0.15 25.88
N ALA B 465 26.49 0.94 25.17
CA ALA B 465 25.38 1.52 24.44
C ALA B 465 25.64 1.39 22.96
N LEU B 466 24.71 0.78 22.25
CA LEU B 466 24.91 0.65 20.83
C LEU B 466 24.44 1.93 20.22
N PRO B 467 25.30 2.60 19.47
CA PRO B 467 24.87 3.86 18.84
C PRO B 467 23.94 3.46 17.70
N VAL B 468 22.74 4.01 17.68
CA VAL B 468 21.74 3.67 16.67
C VAL B 468 21.14 4.88 15.97
N GLU B 469 20.75 4.71 14.71
CA GLU B 469 20.09 5.79 14.00
C GLU B 469 18.62 5.45 14.04
N ILE B 470 17.83 6.24 14.75
CA ILE B 470 16.41 5.99 14.84
C ILE B 470 15.65 6.83 13.82
N ARG B 471 14.61 6.26 13.24
CA ARG B 471 13.83 6.98 12.25
C ARG B 471 12.37 7.09 12.68
N LEU B 472 12.00 8.32 13.03
CA LEU B 472 10.67 8.64 13.48
C LEU B 472 9.90 9.16 12.29
N TYR B 473 8.89 8.40 11.85
CA TYR B 473 8.09 8.81 10.72
C TYR B 473 6.81 9.46 11.20
N ASP B 474 6.15 10.20 10.33
CA ASP B 474 4.90 10.88 10.66
C ASP B 474 4.07 10.93 9.37
N ARG B 475 2.82 11.40 9.45
CA ARG B 475 1.98 11.46 8.27
C ARG B 475 2.66 12.19 7.13
N LEU B 476 2.61 11.61 5.94
CA LEU B 476 3.29 12.20 4.81
C LEU B 476 2.83 13.59 4.51
N PHE B 477 1.52 13.82 4.52
CA PHE B 477 0.93 15.13 4.21
C PHE B 477 0.32 15.80 5.43
N SER B 478 0.28 17.12 5.42
CA SER B 478 -0.24 17.87 6.55
C SER B 478 -1.72 18.13 6.54
N VAL B 479 -2.40 17.64 5.51
CA VAL B 479 -3.84 17.82 5.36
C VAL B 479 -4.49 16.45 5.22
N PRO B 480 -5.65 16.24 5.85
CA PRO B 480 -6.40 14.98 5.83
C PRO B 480 -6.73 14.48 4.44
N ASN B 481 -6.90 15.39 3.49
CA ASN B 481 -7.24 15.04 2.11
C ASN B 481 -6.27 15.68 1.09
N PRO B 482 -5.01 15.29 1.13
CA PRO B 482 -4.02 15.85 0.20
C PRO B 482 -4.40 15.74 -1.29
N GLY B 483 -5.17 14.72 -1.64
CA GLY B 483 -5.56 14.53 -3.02
C GLY B 483 -6.32 15.73 -3.53
N ALA B 484 -7.26 16.20 -2.73
CA ALA B 484 -8.09 17.35 -3.07
C ALA B 484 -7.37 18.69 -3.04
N ALA B 485 -6.07 18.69 -2.75
CA ALA B 485 -5.34 19.95 -2.71
C ALA B 485 -5.03 20.38 -4.14
N ASP B 486 -4.75 21.67 -4.32
CA ASP B 486 -4.43 22.23 -5.63
C ASP B 486 -3.17 21.60 -6.19
N ASP B 487 -2.14 21.54 -5.36
CA ASP B 487 -0.85 20.94 -5.70
C ASP B 487 -0.54 20.12 -4.47
N PHE B 488 -0.83 18.83 -4.53
CA PHE B 488 -0.61 17.96 -3.38
C PHE B 488 0.80 17.92 -2.79
N LEU B 489 1.82 18.18 -3.62
CA LEU B 489 3.21 18.14 -3.16
C LEU B 489 3.59 19.30 -2.26
N SER B 490 2.91 20.42 -2.40
CA SER B 490 3.24 21.56 -1.56
C SER B 490 2.68 21.41 -0.16
N VAL B 491 1.86 20.37 0.03
CA VAL B 491 1.28 20.14 1.33
C VAL B 491 1.90 18.89 2.00
N ILE B 492 3.12 18.56 1.56
CA ILE B 492 3.88 17.44 2.11
C ILE B 492 4.33 17.88 3.51
N ASN B 493 4.30 16.96 4.46
CA ASN B 493 4.71 17.24 5.82
C ASN B 493 6.22 17.21 5.91
N PRO B 494 6.83 18.34 6.27
CA PRO B 494 8.30 18.39 6.38
C PRO B 494 8.86 17.56 7.49
N GLU B 495 7.99 17.03 8.36
CA GLU B 495 8.44 16.19 9.46
C GLU B 495 7.95 14.75 9.34
N SER B 496 7.66 14.31 8.11
CA SER B 496 7.21 12.95 7.89
C SER B 496 8.34 12.02 8.31
N LEU B 497 9.57 12.53 8.23
CA LEU B 497 10.75 11.77 8.66
C LEU B 497 11.65 12.68 9.47
N VAL B 498 12.02 12.21 10.65
CA VAL B 498 12.92 12.94 11.54
C VAL B 498 13.91 11.92 12.11
N ILE B 499 15.14 11.99 11.57
CA ILE B 499 16.23 11.10 11.93
C ILE B 499 16.94 11.48 13.22
N LYS B 500 16.97 10.54 14.14
CA LYS B 500 17.62 10.75 15.43
C LYS B 500 18.78 9.77 15.62
N GLN B 501 19.73 10.18 16.44
CA GLN B 501 20.86 9.35 16.78
C GLN B 501 20.60 9.12 18.25
N GLY B 502 20.49 7.87 18.63
CA GLY B 502 20.21 7.57 20.01
C GLY B 502 21.08 6.44 20.45
N PHE B 503 20.69 5.80 21.53
CA PHE B 503 21.47 4.70 22.04
C PHE B 503 20.55 3.59 22.43
N ALA B 504 20.86 2.40 21.93
CA ALA B 504 20.07 1.23 22.22
C ALA B 504 20.89 0.27 23.06
N GLU B 505 20.22 -0.46 23.93
CA GLU B 505 20.91 -1.42 24.74
C GLU B 505 21.61 -2.40 23.76
N PRO B 506 22.85 -2.85 24.10
CA PRO B 506 23.62 -3.78 23.26
C PRO B 506 22.92 -4.98 22.62
N SER B 507 21.82 -5.45 23.21
CA SER B 507 21.11 -6.62 22.65
C SER B 507 20.64 -6.38 21.20
N LEU B 508 20.21 -5.16 20.93
CA LEU B 508 19.75 -4.78 19.61
C LEU B 508 20.87 -4.97 18.57
N LYS B 509 22.09 -5.21 19.06
CA LYS B 509 23.23 -5.42 18.18
C LYS B 509 22.86 -6.54 17.22
N ASP B 510 22.09 -7.51 17.71
CA ASP B 510 21.67 -8.65 16.90
C ASP B 510 20.24 -8.56 16.36
N ALA B 511 19.80 -7.36 16.04
CA ALA B 511 18.46 -7.17 15.50
C ALA B 511 18.50 -7.62 14.05
N VAL B 512 17.46 -8.32 13.63
CA VAL B 512 17.36 -8.80 12.26
C VAL B 512 16.30 -8.01 11.51
N ALA B 513 16.65 -7.55 10.31
CA ALA B 513 15.71 -6.80 9.50
C ALA B 513 14.63 -7.81 9.15
N GLY B 514 13.57 -7.77 9.92
CA GLY B 514 12.48 -8.70 9.72
C GLY B 514 11.61 -8.68 10.94
N LYS B 515 12.22 -8.64 12.11
CA LYS B 515 11.46 -8.61 13.34
C LYS B 515 11.33 -7.21 13.89
N ALA B 516 10.29 -6.97 14.66
CA ALA B 516 10.07 -5.67 15.27
C ALA B 516 9.98 -5.88 16.78
N PHE B 517 10.64 -4.99 17.53
CA PHE B 517 10.66 -5.04 18.98
C PHE B 517 9.93 -3.82 19.46
N GLN B 518 9.59 -3.81 20.74
CA GLN B 518 8.94 -2.64 21.30
C GLN B 518 10.02 -1.90 22.08
N PHE B 519 10.28 -0.66 21.71
CA PHE B 519 11.23 0.15 22.45
C PHE B 519 10.29 0.72 23.48
N GLU B 520 10.40 0.20 24.71
CA GLU B 520 9.54 0.60 25.80
C GLU B 520 9.36 2.10 25.97
N ARG B 521 8.10 2.51 26.19
CA ARG B 521 7.74 3.90 26.38
C ARG B 521 8.04 4.79 25.17
N GLU B 522 8.21 4.19 24.01
CA GLU B 522 8.50 4.95 22.79
C GLU B 522 7.67 4.50 21.58
N GLY B 523 7.76 3.22 21.22
CA GLY B 523 6.98 2.75 20.10
C GLY B 523 7.49 1.44 19.57
N TYR B 524 6.87 0.93 18.50
CA TYR B 524 7.30 -0.34 17.91
C TYR B 524 8.27 0.02 16.81
N PHE B 525 9.49 -0.50 16.94
CA PHE B 525 10.53 -0.22 15.96
C PHE B 525 10.90 -1.51 15.28
N CYS B 526 11.49 -1.41 14.12
CA CYS B 526 11.89 -2.60 13.41
C CYS B 526 13.17 -2.17 12.74
N LEU B 527 14.14 -3.06 12.73
CA LEU B 527 15.41 -2.79 12.08
C LEU B 527 15.07 -2.38 10.64
N ASP B 528 15.20 -1.09 10.38
CA ASP B 528 14.93 -0.53 9.06
C ASP B 528 15.67 -1.39 8.08
N SER B 529 14.92 -2.27 7.45
CA SER B 529 15.53 -3.13 6.48
C SER B 529 15.88 -2.40 5.16
N ARG B 530 16.69 -1.34 5.23
CA ARG B 530 17.14 -0.65 4.01
C ARG B 530 18.45 0.16 4.11
N HIS B 531 18.71 0.79 5.25
CA HIS B 531 19.93 1.55 5.44
C HIS B 531 20.89 0.97 6.49
N SER B 532 20.36 0.29 7.51
CA SER B 532 21.17 -0.26 8.60
C SER B 532 22.33 -1.18 8.30
N THR B 533 23.55 -0.62 8.33
CA THR B 533 24.76 -1.40 8.13
C THR B 533 25.07 -2.09 9.45
N ALA B 534 26.11 -2.90 9.47
CA ALA B 534 26.53 -3.60 10.69
C ALA B 534 27.10 -2.56 11.66
N GLU B 535 27.62 -1.47 11.10
CA GLU B 535 28.22 -0.41 11.89
C GLU B 535 27.14 0.54 12.40
N LYS B 536 26.39 1.16 11.51
CA LYS B 536 25.35 2.07 11.95
C LYS B 536 23.94 1.53 11.73
N PRO B 537 23.41 0.83 12.73
CA PRO B 537 22.06 0.28 12.62
C PRO B 537 21.09 1.45 12.48
N VAL B 538 20.06 1.24 11.67
CA VAL B 538 19.03 2.24 11.44
C VAL B 538 17.74 1.51 11.81
N PHE B 539 16.95 2.13 12.67
CA PHE B 539 15.69 1.54 13.09
C PHE B 539 14.55 2.43 12.65
N ASN B 540 13.46 1.79 12.24
CA ASN B 540 12.24 2.44 11.80
C ASN B 540 11.21 2.41 12.88
N ARG B 541 10.60 3.55 13.19
CA ARG B 541 9.53 3.54 14.17
C ARG B 541 8.26 3.24 13.39
N THR B 542 7.70 2.05 13.58
CA THR B 542 6.47 1.66 12.90
C THR B 542 5.30 2.53 13.33
N VAL B 543 5.01 2.46 14.61
CA VAL B 543 3.93 3.23 15.19
C VAL B 543 4.31 3.49 16.64
N GLY B 544 3.97 4.68 17.13
CA GLY B 544 4.25 5.00 18.51
C GLY B 544 3.14 4.39 19.35
N LEU B 545 3.31 4.45 20.68
CA LEU B 545 2.33 3.91 21.60
C LEU B 545 1.15 4.87 21.73
N ARG B 546 0.04 4.41 22.29
CA ARG B 546 -1.09 5.30 22.47
C ARG B 546 -0.67 6.21 23.61
N ASP B 547 -0.69 7.50 23.37
CA ASP B 547 -0.27 8.46 24.38
C ASP B 547 -1.33 9.52 24.63
N THR B 548 -1.84 9.59 25.86
CA THR B 548 -2.87 10.57 26.22
C THR B 548 -2.56 11.35 27.50
N QSI C . -7.20 -2.68 -14.70
CA QSI C . -8.15 -2.11 -13.96
CB QSI C . -9.11 -3.17 -13.44
CG QSI C . -10.56 -2.74 -13.44
CD QSI C . -11.49 -3.81 -12.88
OE1 QSI C . -11.28 -4.33 -11.79
NE2 QSI C . -12.67 -4.15 -13.69
C QSI C . -7.54 -1.32 -12.79
O QSI C . -8.24 -0.47 -12.20
N10 QSI C . -6.12 -1.29 -12.65
S QSI C . -5.41 -0.91 -11.18
O1S QSI C . -5.51 0.58 -10.99
O2S QSI C . -4.12 -1.52 -11.20
O5' QSI C . -6.17 -1.53 -10.05
C5' QSI C . -6.46 -2.95 -10.01
C4' QSI C . -7.60 -3.21 -9.07
O4' QSI C . -7.23 -2.81 -7.73
C1' QSI C . -8.38 -2.40 -7.01
N9 QSI C . -8.16 -1.08 -6.45
C4 QSI C . -8.73 -0.60 -5.28
N3 QSI C . -9.60 -1.24 -4.47
C2 QSI C . -9.92 -0.49 -3.42
N1 QSI C . -9.50 0.74 -3.10
C6 QSI C . -8.63 1.37 -3.94
N6 QSI C . -8.24 2.62 -3.62
C5 QSI C . -8.22 0.67 -5.09
N7 QSI C . -7.35 1.00 -6.12
C8 QSI C . -7.37 -0.05 -6.91
C2' QSI C . -9.56 -2.48 -7.98
O2' QSI C . -10.22 -3.74 -7.83
C3' QSI C . -8.85 -2.38 -9.32
O3' QSI C . -9.65 -2.95 -10.34
#